data_3M4C
#
_entry.id   3M4C
#
_cell.length_a   126.892
_cell.length_b   126.892
_cell.length_c   167.944
_cell.angle_alpha   90.00
_cell.angle_beta   90.00
_cell.angle_gamma   120.00
#
_symmetry.space_group_name_H-M   'H 3 2'
#
loop_
_entity.id
_entity.type
_entity.pdbx_description
1 polymer 'Soluble cytochrome b562'
2 polymer 'Heme-Peptide Fragment'
3 non-polymer 'PROTOPORPHYRIN IX CONTAINING FE'
4 non-polymer 'ACETATE ION'
5 non-polymer 'ZINC ION'
6 water water
#
loop_
_entity_poly.entity_id
_entity_poly.type
_entity_poly.pdbx_seq_one_letter_code
_entity_poly.pdbx_strand_id
1 'polypeptide(L)'
;ADLEDNMETLNDNLKVIEKADNAAQVKDALTKMAAAAADAWSATPPKLEDKSPDSPEMHDFRHGFWCLIGQIHAALHLAN
EGKVKEAQAAAEQLKTTCNACHQKYR
;
A,B,C,D
2 'polypeptide(L)' KTTCNACHQ E
#
# COMPACT_ATOMS: atom_id res chain seq x y z
N ALA A 1 -27.28 16.27 -9.54
CA ALA A 1 -27.82 17.06 -8.39
C ALA A 1 -28.20 18.45 -8.85
N ASP A 2 -29.29 18.99 -8.31
CA ASP A 2 -29.61 20.39 -8.57
C ASP A 2 -28.74 21.32 -7.73
N LEU A 3 -28.88 22.62 -7.97
CA LEU A 3 -28.07 23.64 -7.31
C LEU A 3 -28.21 23.60 -5.78
N GLU A 4 -29.45 23.50 -5.30
CA GLU A 4 -29.74 23.44 -3.85
C GLU A 4 -29.04 22.25 -3.20
N ASP A 5 -29.03 21.11 -3.89
CA ASP A 5 -28.41 19.90 -3.36
C ASP A 5 -26.89 20.02 -3.33
N ASN A 6 -26.32 20.62 -4.37
CA ASN A 6 -24.89 20.90 -4.38
C ASN A 6 -24.48 21.84 -3.26
N MET A 7 -25.35 22.80 -2.95
CA MET A 7 -25.12 23.73 -1.84
C MET A 7 -25.18 23.02 -0.50
N GLU A 8 -26.12 22.10 -0.35
CA GLU A 8 -26.20 21.28 0.86
C GLU A 8 -24.91 20.49 1.05
N THR A 9 -24.36 19.98 -0.06
CA THR A 9 -23.09 19.24 -0.06
C THR A 9 -21.91 20.12 0.37
N LEU A 10 -21.83 21.32 -0.20
CA LEU A 10 -20.83 22.31 0.20
C LEU A 10 -20.92 22.61 1.69
N ASN A 11 -22.14 22.91 2.16
CA ASN A 11 -22.38 23.30 3.55
C ASN A 11 -22.02 22.18 4.54
N ASP A 12 -22.51 20.97 4.26
CA ASP A 12 -22.24 19.83 5.15
C ASP A 12 -20.75 19.52 5.26
N ASN A 13 -20.05 19.55 4.12
CA ASN A 13 -18.64 19.20 4.13
C ASN A 13 -17.74 20.25 4.74
N LEU A 14 -18.16 21.51 4.68
CA LEU A 14 -17.50 22.57 5.42
C LEU A 14 -17.56 22.28 6.94
N LYS A 15 -18.71 21.80 7.41
CA LYS A 15 -18.87 21.44 8.84
C LYS A 15 -18.00 20.23 9.21
N VAL A 16 -17.95 19.24 8.32
CA VAL A 16 -17.09 18.06 8.51
C VAL A 16 -15.62 18.48 8.64
N ILE A 17 -15.17 19.36 7.75
CA ILE A 17 -13.77 19.85 7.81
C ILE A 17 -13.50 20.56 9.15
N GLU A 18 -14.46 21.36 9.61
CA GLU A 18 -14.30 22.08 10.89
C GLU A 18 -14.10 21.14 12.08
N LYS A 19 -14.85 20.05 12.11
CA LYS A 19 -14.82 19.12 13.23
C LYS A 19 -13.75 18.02 13.07
N ALA A 20 -13.13 17.94 11.90
CA ALA A 20 -12.19 16.86 11.57
C ALA A 20 -10.96 16.84 12.45
N ASP A 21 -10.43 15.64 12.71
CA ASP A 21 -9.20 15.47 13.48
C ASP A 21 -8.12 14.69 12.72
N ASN A 22 -8.34 14.47 11.43
CA ASN A 22 -7.40 13.74 10.59
C ASN A 22 -7.45 14.16 9.12
N ALA A 23 -6.33 13.94 8.43
CA ALA A 23 -6.17 14.34 7.04
C ALA A 23 -7.15 13.65 6.10
N ALA A 24 -7.34 12.34 6.28
CA ALA A 24 -8.26 11.56 5.43
C ALA A 24 -9.66 12.17 5.40
N GLN A 25 -10.14 12.57 6.57
CA GLN A 25 -11.47 13.14 6.72
C GLN A 25 -11.59 14.47 6.00
N VAL A 26 -10.53 15.29 6.10
CA VAL A 26 -10.48 16.59 5.44
C VAL A 26 -10.41 16.40 3.93
N LYS A 27 -9.53 15.51 3.49
CA LYS A 27 -9.39 15.18 2.07
C LYS A 27 -10.72 14.72 1.46
N ASP A 28 -11.40 13.82 2.15
CA ASP A 28 -12.68 13.26 1.69
C ASP A 28 -13.71 14.38 1.53
N ALA A 29 -13.82 15.24 2.54
CA ALA A 29 -14.76 16.34 2.52
C ALA A 29 -14.47 17.32 1.39
N LEU A 30 -13.19 17.66 1.19
CA LEU A 30 -12.80 18.61 0.14
C LEU A 30 -13.05 18.06 -1.27
N THR A 31 -12.84 16.75 -1.43
CA THR A 31 -13.09 16.06 -2.69
C THR A 31 -14.58 16.14 -3.07
N LYS A 32 -15.45 15.92 -2.09
CA LYS A 32 -16.90 16.03 -2.31
C LYS A 32 -17.31 17.48 -2.62
N MET A 33 -16.65 18.44 -1.98
CA MET A 33 -16.89 19.86 -2.24
C MET A 33 -16.51 20.24 -3.67
N ALA A 34 -15.36 19.75 -4.12
CA ALA A 34 -14.88 19.99 -5.48
C ALA A 34 -15.89 19.48 -6.52
N ALA A 35 -16.44 18.29 -6.28
CA ALA A 35 -17.44 17.71 -7.17
C ALA A 35 -18.74 18.51 -7.19
N ALA A 36 -19.21 18.93 -6.02
CA ALA A 36 -20.44 19.74 -5.92
C ALA A 36 -20.30 21.08 -6.63
N ALA A 37 -19.14 21.73 -6.46
CA ALA A 37 -18.88 23.04 -7.05
C ALA A 37 -18.77 22.94 -8.58
N ALA A 38 -18.15 21.85 -9.04
CA ALA A 38 -17.99 21.57 -10.48
C ALA A 38 -19.34 21.39 -11.18
N ASP A 39 -20.28 20.75 -10.48
CA ASP A 39 -21.64 20.57 -10.99
C ASP A 39 -22.38 21.91 -11.00
N ALA A 40 -22.27 22.65 -9.90
CA ALA A 40 -22.97 23.93 -9.75
C ALA A 40 -22.50 25.00 -10.73
N TRP A 41 -21.25 24.88 -11.19
CA TRP A 41 -20.63 25.84 -12.10
C TRP A 41 -21.48 26.19 -13.34
N SER A 42 -22.13 25.17 -13.93
CA SER A 42 -22.92 25.40 -15.13
C SER A 42 -24.43 25.61 -14.87
N ALA A 43 -24.83 25.72 -13.60
CA ALA A 43 -26.23 25.93 -13.25
C ALA A 43 -26.65 27.39 -13.40
N THR A 44 -27.95 27.60 -13.61
CA THR A 44 -28.51 28.94 -13.62
C THR A 44 -29.40 29.10 -12.38
N PRO A 45 -29.05 30.05 -11.49
CA PRO A 45 -29.83 30.17 -10.26
C PRO A 45 -31.17 30.86 -10.50
N PRO A 46 -32.20 30.55 -9.68
CA PRO A 46 -33.53 31.14 -9.82
C PRO A 46 -33.51 32.66 -10.06
N LYS A 47 -32.68 33.39 -9.31
CA LYS A 47 -32.63 34.85 -9.42
C LYS A 47 -32.02 35.37 -10.72
N LEU A 48 -31.36 34.49 -11.48
CA LEU A 48 -30.79 34.85 -12.78
C LEU A 48 -31.40 34.08 -13.95
N GLU A 49 -32.61 33.55 -13.74
CA GLU A 49 -33.31 32.71 -14.72
C GLU A 49 -33.61 33.38 -16.07
N ASP A 50 -33.93 34.67 -16.04
CA ASP A 50 -34.26 35.39 -17.28
C ASP A 50 -33.03 36.04 -17.92
N LYS A 51 -31.85 35.82 -17.33
CA LYS A 51 -30.62 36.46 -17.79
C LYS A 51 -29.90 35.64 -18.85
N SER A 52 -29.19 36.33 -19.73
CA SER A 52 -28.43 35.70 -20.82
C SER A 52 -27.17 34.99 -20.30
N PRO A 53 -26.81 33.85 -20.92
CA PRO A 53 -25.54 33.19 -20.60
C PRO A 53 -24.32 34.11 -20.67
N ASP A 54 -24.34 35.07 -21.59
CA ASP A 54 -23.24 36.04 -21.75
C ASP A 54 -23.42 37.33 -20.92
N SER A 55 -24.39 37.34 -20.02
CA SER A 55 -24.67 38.51 -19.19
C SER A 55 -23.55 38.72 -18.16
N PRO A 56 -23.32 39.99 -17.75
CA PRO A 56 -22.38 40.29 -16.67
C PRO A 56 -22.60 39.44 -15.40
N GLU A 57 -23.87 39.24 -15.04
CA GLU A 57 -24.22 38.45 -13.85
C GLU A 57 -23.82 36.98 -13.97
N MET A 58 -24.10 36.38 -15.13
CA MET A 58 -23.77 34.97 -15.34
C MET A 58 -22.26 34.74 -15.45
N HIS A 59 -21.53 35.69 -16.03
CA HIS A 59 -20.07 35.65 -15.98
C HIS A 59 -19.59 35.66 -14.53
N ASP A 60 -20.18 36.54 -13.73
CA ASP A 60 -19.79 36.71 -12.33
C ASP A 60 -20.11 35.46 -11.51
N PHE A 61 -21.29 34.89 -11.75
CA PHE A 61 -21.75 33.67 -11.10
C PHE A 61 -20.79 32.50 -11.37
N ARG A 62 -20.47 32.25 -12.64
CA ARG A 62 -19.52 31.20 -13.01
C ARG A 62 -18.13 31.45 -12.44
N HIS A 63 -17.70 32.71 -12.44
CA HIS A 63 -16.40 33.06 -11.86
C HIS A 63 -16.31 32.72 -10.37
N GLY A 64 -17.41 32.95 -9.64
CA GLY A 64 -17.50 32.60 -8.23
C GLY A 64 -17.17 31.14 -7.97
N PHE A 65 -17.69 30.26 -8.82
CA PHE A 65 -17.40 28.83 -8.68
C PHE A 65 -15.96 28.48 -9.05
N TRP A 66 -15.44 29.09 -10.11
CA TRP A 66 -14.05 28.90 -10.49
C TRP A 66 -13.14 29.33 -9.34
N CYS A 67 -13.50 30.46 -8.71
CA CYS A 67 -12.81 30.96 -7.53
C CYS A 67 -12.81 29.92 -6.39
N LEU A 68 -13.99 29.40 -6.08
CA LEU A 68 -14.15 28.40 -5.02
C LEU A 68 -13.37 27.12 -5.34
N ILE A 69 -13.45 26.67 -6.59
CA ILE A 69 -12.78 25.44 -7.02
C ILE A 69 -11.26 25.55 -6.86
N GLY A 70 -10.72 26.71 -7.20
CA GLY A 70 -9.29 26.98 -7.05
C GLY A 70 -8.85 26.89 -5.60
N GLN A 71 -9.65 27.47 -4.70
CA GLN A 71 -9.35 27.44 -3.27
C GLN A 71 -9.47 26.03 -2.68
N ILE A 72 -10.46 25.26 -3.15
CA ILE A 72 -10.62 23.87 -2.72
C ILE A 72 -9.38 23.05 -3.12
N HIS A 73 -8.87 23.28 -4.32
CA HIS A 73 -7.62 22.65 -4.78
C HIS A 73 -6.45 22.97 -3.87
N ALA A 74 -6.31 24.24 -3.51
CA ALA A 74 -5.24 24.68 -2.60
C ALA A 74 -5.35 23.99 -1.25
N ALA A 75 -6.57 23.86 -0.74
CA ALA A 75 -6.84 23.18 0.52
C ALA A 75 -6.55 21.68 0.42
N LEU A 76 -6.95 21.09 -0.71
CA LEU A 76 -6.71 19.68 -1.02
C LEU A 76 -5.21 19.36 -1.05
N HIS A 77 -4.43 20.27 -1.63
CA HIS A 77 -2.98 20.10 -1.71
C HIS A 77 -2.39 20.01 -0.30
N LEU A 78 -2.87 20.88 0.59
CA LEU A 78 -2.47 20.88 2.00
C LEU A 78 -2.88 19.61 2.74
N ALA A 79 -4.12 19.16 2.51
CA ALA A 79 -4.63 17.93 3.13
C ALA A 79 -3.81 16.72 2.69
N ASN A 80 -3.43 16.70 1.41
CA ASN A 80 -2.64 15.60 0.84
C ASN A 80 -1.23 15.52 1.41
N GLU A 81 -0.75 16.63 1.98
CA GLU A 81 0.51 16.66 2.72
C GLU A 81 0.32 16.39 4.22
N GLY A 82 -0.91 16.03 4.61
CA GLY A 82 -1.23 15.73 5.99
C GLY A 82 -1.28 16.93 6.91
N LYS A 83 -1.32 18.13 6.33
CA LYS A 83 -1.35 19.37 7.08
C LYS A 83 -2.79 19.75 7.42
N VAL A 84 -3.31 19.11 8.47
CA VAL A 84 -4.71 19.19 8.86
C VAL A 84 -5.16 20.63 9.21
N LYS A 85 -4.45 21.28 10.13
CA LYS A 85 -4.81 22.62 10.58
C LYS A 85 -4.73 23.66 9.46
N GLU A 86 -3.70 23.57 8.63
CA GLU A 86 -3.55 24.47 7.48
C GLU A 86 -4.67 24.29 6.47
N ALA A 87 -5.04 23.03 6.21
CA ALA A 87 -6.16 22.74 5.31
C ALA A 87 -7.49 23.26 5.88
N GLN A 88 -7.65 23.16 7.21
CA GLN A 88 -8.86 23.65 7.87
C GLN A 88 -8.98 25.18 7.74
N ALA A 89 -7.85 25.87 7.91
CA ALA A 89 -7.79 27.32 7.75
C ALA A 89 -8.11 27.75 6.32
N ALA A 90 -7.61 27.00 5.34
CA ALA A 90 -7.93 27.26 3.93
C ALA A 90 -9.42 27.06 3.66
N ALA A 91 -10.01 26.04 4.28
CA ALA A 91 -11.45 25.79 4.15
C ALA A 91 -12.28 26.92 4.77
N GLU A 92 -11.86 27.38 5.94
CA GLU A 92 -12.50 28.51 6.61
C GLU A 92 -12.52 29.77 5.73
N GLN A 93 -11.43 30.00 5.00
CA GLN A 93 -11.36 31.16 4.11
C GLN A 93 -12.31 31.08 2.90
N LEU A 94 -12.73 29.86 2.56
CA LEU A 94 -13.74 29.67 1.50
C LEU A 94 -15.02 30.46 1.75
N LYS A 95 -15.37 30.64 3.03
CA LYS A 95 -16.61 31.28 3.43
C LYS A 95 -16.79 32.67 2.83
N THR A 96 -15.69 33.40 2.68
CA THR A 96 -15.71 34.72 2.03
C THR A 96 -16.32 34.61 0.65
N THR A 97 -15.92 33.57 -0.07
CA THR A 97 -16.37 33.31 -1.43
C THR A 97 -17.83 32.84 -1.46
N CYS A 98 -18.18 31.93 -0.54
CA CYS A 98 -19.58 31.52 -0.36
C CYS A 98 -20.47 32.74 -0.14
N ASN A 99 -20.09 33.55 0.85
CA ASN A 99 -20.89 34.72 1.26
C ASN A 99 -21.02 35.76 0.17
N ALA A 100 -19.92 36.02 -0.55
CA ALA A 100 -19.93 37.04 -1.61
C ALA A 100 -20.95 36.72 -2.70
N CYS A 101 -20.98 35.45 -3.12
CA CYS A 101 -21.93 35.04 -4.15
C CYS A 101 -23.37 35.10 -3.64
N HIS A 102 -23.58 34.63 -2.41
CA HIS A 102 -24.90 34.64 -1.80
C HIS A 102 -25.49 36.06 -1.73
N GLN A 103 -24.66 37.02 -1.33
CA GLN A 103 -25.10 38.42 -1.21
C GLN A 103 -25.67 38.94 -2.52
N LYS A 104 -25.10 38.50 -3.63
CA LYS A 104 -25.52 38.93 -4.96
C LYS A 104 -26.66 38.10 -5.57
N TYR A 105 -26.60 36.77 -5.41
CA TYR A 105 -27.41 35.87 -6.24
C TYR A 105 -28.29 34.84 -5.53
N ARG A 106 -28.13 34.70 -4.21
CA ARG A 106 -28.92 33.73 -3.44
C ARG A 106 -30.30 34.30 -3.08
N ALA B 1 -8.12 -21.72 0.52
CA ALA B 1 -7.55 -21.97 1.88
C ALA B 1 -8.54 -22.74 2.73
N ASP B 2 -8.06 -23.75 3.47
CA ASP B 2 -8.93 -24.45 4.40
C ASP B 2 -9.12 -23.63 5.68
N LEU B 3 -9.93 -24.15 6.60
CA LEU B 3 -10.26 -23.45 7.84
C LEU B 3 -8.99 -23.16 8.65
N GLU B 4 -8.12 -24.16 8.77
CA GLU B 4 -6.84 -24.02 9.49
C GLU B 4 -5.95 -22.91 8.93
N ASP B 5 -5.85 -22.84 7.60
CA ASP B 5 -5.07 -21.80 6.91
C ASP B 5 -5.61 -20.42 7.21
N ASN B 6 -6.94 -20.30 7.17
CA ASN B 6 -7.59 -19.02 7.44
C ASN B 6 -7.39 -18.57 8.87
N MET B 7 -7.38 -19.54 9.80
CA MET B 7 -7.09 -19.28 11.21
C MET B 7 -5.65 -18.82 11.41
N GLU B 8 -4.72 -19.44 10.70
CA GLU B 8 -3.32 -19.02 10.70
C GLU B 8 -3.19 -17.56 10.20
N THR B 9 -3.93 -17.24 9.14
CA THR B 9 -3.93 -15.88 8.59
C THR B 9 -4.47 -14.88 9.61
N LEU B 10 -5.57 -15.22 10.26
CA LEU B 10 -6.17 -14.38 11.29
C LEU B 10 -5.19 -14.12 12.44
N ASN B 11 -4.57 -15.20 12.93
CA ASN B 11 -3.63 -15.13 14.05
C ASN B 11 -2.38 -14.31 13.72
N ASP B 12 -1.76 -14.62 12.59
CA ASP B 12 -0.56 -13.90 12.15
C ASP B 12 -0.79 -12.40 12.04
N ASN B 13 -1.89 -12.02 11.41
CA ASN B 13 -2.15 -10.62 11.14
C ASN B 13 -2.61 -9.85 12.38
N LEU B 14 -3.26 -10.55 13.30
CA LEU B 14 -3.60 -9.93 14.57
C LEU B 14 -2.32 -9.58 15.34
N LYS B 15 -1.32 -10.45 15.25
CA LYS B 15 0.00 -10.18 15.85
C LYS B 15 0.75 -9.05 15.14
N VAL B 16 0.61 -8.99 13.81
CA VAL B 16 1.19 -7.88 13.04
C VAL B 16 0.63 -6.53 13.50
N ILE B 17 -0.68 -6.49 13.72
CA ILE B 17 -1.35 -5.27 14.22
C ILE B 17 -0.83 -4.83 15.59
N GLU B 18 -0.65 -5.77 16.52
CA GLU B 18 -0.14 -5.45 17.87
C GLU B 18 1.23 -4.77 17.81
N LYS B 19 2.13 -5.32 17.01
CA LYS B 19 3.51 -4.86 16.95
C LYS B 19 3.70 -3.67 16.00
N ALA B 20 2.65 -3.36 15.24
CA ALA B 20 2.69 -2.31 14.22
C ALA B 20 2.96 -0.93 14.83
N ASP B 21 3.61 -0.07 14.05
CA ASP B 21 3.86 1.31 14.46
C ASP B 21 3.35 2.33 13.43
N ASN B 22 2.59 1.85 12.45
CA ASN B 22 2.08 2.71 11.38
C ASN B 22 0.72 2.25 10.85
N ALA B 23 -0.03 3.18 10.27
CA ALA B 23 -1.39 2.91 9.81
C ALA B 23 -1.43 1.93 8.63
N ALA B 24 -0.48 2.05 7.71
CA ALA B 24 -0.45 1.20 6.50
C ALA B 24 -0.32 -0.27 6.84
N GLN B 25 0.58 -0.58 7.78
CA GLN B 25 0.79 -1.94 8.27
C GLN B 25 -0.48 -2.48 8.93
N VAL B 26 -1.13 -1.65 9.75
CA VAL B 26 -2.39 -2.03 10.40
C VAL B 26 -3.48 -2.28 9.35
N LYS B 27 -3.58 -1.39 8.37
CA LYS B 27 -4.58 -1.53 7.31
C LYS B 27 -4.37 -2.80 6.47
N ASP B 28 -3.12 -3.06 6.09
CA ASP B 28 -2.78 -4.27 5.32
C ASP B 28 -3.19 -5.52 6.09
N ALA B 29 -2.84 -5.56 7.37
CA ALA B 29 -3.13 -6.72 8.21
C ALA B 29 -4.64 -6.94 8.34
N LEU B 30 -5.39 -5.87 8.58
CA LEU B 30 -6.85 -5.96 8.70
C LEU B 30 -7.51 -6.41 7.40
N THR B 31 -6.99 -5.92 6.28
CA THR B 31 -7.46 -6.31 4.94
C THR B 31 -7.29 -7.82 4.75
N LYS B 32 -6.11 -8.32 5.09
CA LYS B 32 -5.86 -9.76 5.04
C LYS B 32 -6.79 -10.56 5.96
N MET B 33 -7.09 -10.01 7.14
CA MET B 33 -8.02 -10.67 8.07
C MET B 33 -9.45 -10.79 7.52
N ALA B 34 -9.93 -9.70 6.92
CA ALA B 34 -11.25 -9.68 6.30
C ALA B 34 -11.40 -10.73 5.20
N ALA B 35 -10.36 -10.88 4.38
CA ALA B 35 -10.36 -11.89 3.31
C ALA B 35 -10.38 -13.32 3.87
N ALA B 36 -9.67 -13.54 4.97
CA ALA B 36 -9.61 -14.86 5.59
C ALA B 36 -10.97 -15.22 6.22
N ALA B 37 -11.58 -14.24 6.86
CA ALA B 37 -12.91 -14.38 7.44
C ALA B 37 -13.97 -14.60 6.37
N ALA B 38 -13.83 -13.92 5.22
CA ALA B 38 -14.73 -14.10 4.09
C ALA B 38 -14.70 -15.54 3.58
N ASP B 39 -13.53 -16.15 3.60
CA ASP B 39 -13.36 -17.54 3.17
C ASP B 39 -13.88 -18.52 4.23
N ALA B 40 -13.60 -18.22 5.49
CA ALA B 40 -13.89 -19.14 6.59
C ALA B 40 -15.37 -19.23 6.96
N TRP B 41 -16.13 -18.16 6.72
CA TRP B 41 -17.50 -18.09 7.24
C TRP B 41 -18.41 -19.23 6.76
N SER B 42 -18.11 -19.77 5.58
CA SER B 42 -18.92 -20.82 4.97
C SER B 42 -18.38 -22.24 5.23
N ALA B 43 -17.30 -22.35 6.01
CA ALA B 43 -16.71 -23.65 6.34
C ALA B 43 -17.52 -24.39 7.42
N THR B 44 -17.30 -25.70 7.51
CA THR B 44 -17.87 -26.49 8.59
C THR B 44 -16.71 -27.04 9.41
N PRO B 45 -16.66 -26.67 10.71
CA PRO B 45 -15.55 -27.09 11.57
C PRO B 45 -15.68 -28.56 11.95
N PRO B 46 -14.54 -29.24 12.22
CA PRO B 46 -14.54 -30.66 12.58
C PRO B 46 -15.56 -31.05 13.65
N LYS B 47 -15.66 -30.24 14.71
CA LYS B 47 -16.56 -30.55 15.82
C LYS B 47 -18.06 -30.35 15.52
N LEU B 48 -18.36 -29.78 14.35
CA LEU B 48 -19.74 -29.58 13.93
C LEU B 48 -20.09 -30.30 12.62
N GLU B 49 -19.21 -31.22 12.20
CA GLU B 49 -19.38 -31.96 10.94
C GLU B 49 -20.64 -32.83 10.88
N ASP B 50 -21.03 -33.38 12.02
CA ASP B 50 -22.23 -34.23 12.09
C ASP B 50 -23.50 -33.45 12.44
N LYS B 51 -23.40 -32.12 12.45
CA LYS B 51 -24.53 -31.24 12.75
C LYS B 51 -25.27 -30.81 11.49
N SER B 52 -26.56 -30.54 11.63
CA SER B 52 -27.39 -30.02 10.54
C SER B 52 -26.97 -28.60 10.17
N PRO B 53 -27.02 -28.24 8.87
CA PRO B 53 -26.70 -26.88 8.43
C PRO B 53 -27.56 -25.79 9.07
N ASP B 54 -28.79 -26.13 9.45
CA ASP B 54 -29.69 -25.19 10.14
C ASP B 54 -29.70 -25.37 11.66
N SER B 55 -28.70 -26.08 12.19
CA SER B 55 -28.56 -26.28 13.63
C SER B 55 -28.25 -24.97 14.35
N PRO B 56 -28.62 -24.87 15.65
CA PRO B 56 -28.18 -23.72 16.44
C PRO B 56 -26.65 -23.54 16.41
N GLU B 57 -25.92 -24.66 16.37
CA GLU B 57 -24.46 -24.65 16.38
C GLU B 57 -23.87 -24.02 15.12
N MET B 58 -24.40 -24.39 13.96
CA MET B 58 -23.91 -23.84 12.69
C MET B 58 -24.39 -22.39 12.48
N HIS B 59 -25.58 -22.06 12.97
CA HIS B 59 -26.06 -20.68 12.98
C HIS B 59 -25.10 -19.80 13.76
N ASP B 60 -24.75 -20.26 14.95
CA ASP B 60 -23.86 -19.56 15.87
C ASP B 60 -22.47 -19.42 15.28
N PHE B 61 -21.97 -20.49 14.67
CA PHE B 61 -20.67 -20.52 14.01
C PHE B 61 -20.56 -19.44 12.92
N ARG B 62 -21.48 -19.47 11.96
CA ARG B 62 -21.52 -18.44 10.90
C ARG B 62 -21.63 -17.03 11.48
N HIS B 63 -22.49 -16.89 12.49
CA HIS B 63 -22.71 -15.61 13.17
C HIS B 63 -21.43 -15.03 13.77
N GLY B 64 -20.60 -15.89 14.37
CA GLY B 64 -19.30 -15.49 14.92
C GLY B 64 -18.40 -14.79 13.90
N PHE B 65 -18.38 -15.31 12.68
CA PHE B 65 -17.58 -14.68 11.62
C PHE B 65 -18.14 -13.34 11.16
N TRP B 66 -19.46 -13.23 11.08
CA TRP B 66 -20.10 -11.99 10.69
C TRP B 66 -19.81 -10.89 11.72
N CYS B 67 -19.85 -11.29 12.99
CA CYS B 67 -19.44 -10.43 14.10
C CYS B 67 -17.99 -9.97 13.92
N LEU B 68 -17.11 -10.92 13.62
CA LEU B 68 -15.70 -10.63 13.40
C LEU B 68 -15.50 -9.66 12.24
N ILE B 69 -16.16 -9.93 11.12
CA ILE B 69 -16.08 -9.08 9.93
C ILE B 69 -16.52 -7.64 10.25
N GLY B 70 -17.61 -7.52 11.01
CA GLY B 70 -18.07 -6.21 11.48
C GLY B 70 -17.01 -5.46 12.27
N GLN B 71 -16.37 -6.16 13.20
CA GLN B 71 -15.34 -5.55 14.05
C GLN B 71 -14.08 -5.19 13.27
N ILE B 72 -13.74 -5.99 12.26
CA ILE B 72 -12.60 -5.68 11.38
C ILE B 72 -12.87 -4.35 10.65
N HIS B 73 -14.12 -4.15 10.23
CA HIS B 73 -14.50 -2.91 9.56
C HIS B 73 -14.36 -1.68 10.44
N ALA B 74 -14.74 -1.82 11.70
CA ALA B 74 -14.57 -0.74 12.68
C ALA B 74 -13.09 -0.41 12.86
N ALA B 75 -12.25 -1.44 12.91
CA ALA B 75 -10.80 -1.25 13.01
C ALA B 75 -10.23 -0.61 11.73
N LEU B 76 -10.72 -1.07 10.58
CA LEU B 76 -10.29 -0.52 9.28
C LEU B 76 -10.63 0.96 9.16
N HIS B 77 -11.83 1.32 9.61
CA HIS B 77 -12.28 2.71 9.56
C HIS B 77 -11.29 3.61 10.31
N LEU B 78 -10.83 3.15 11.47
CA LEU B 78 -9.87 3.89 12.30
C LEU B 78 -8.48 3.95 11.67
N ALA B 79 -8.01 2.83 11.14
CA ALA B 79 -6.72 2.78 10.46
C ALA B 79 -6.68 3.70 9.22
N ASN B 80 -7.81 3.77 8.49
CA ASN B 80 -7.94 4.65 7.33
C ASN B 80 -7.85 6.13 7.70
N GLU B 81 -8.13 6.44 8.96
CA GLU B 81 -7.99 7.80 9.50
C GLU B 81 -6.59 8.02 10.10
N GLY B 82 -5.73 7.01 10.01
CA GLY B 82 -4.37 7.09 10.51
C GLY B 82 -4.24 6.97 12.02
N LYS B 83 -5.34 6.56 12.66
CA LYS B 83 -5.37 6.45 14.11
C LYS B 83 -4.85 5.08 14.56
N VAL B 84 -3.53 4.96 14.60
CA VAL B 84 -2.88 3.67 14.84
C VAL B 84 -3.28 3.03 16.18
N LYS B 85 -3.13 3.80 17.25
CA LYS B 85 -3.42 3.29 18.60
C LYS B 85 -4.89 2.90 18.78
N GLU B 86 -5.79 3.70 18.22
CA GLU B 86 -7.23 3.39 18.30
C GLU B 86 -7.60 2.14 17.50
N ALA B 87 -7.01 2.01 16.31
CA ALA B 87 -7.22 0.83 15.48
C ALA B 87 -6.70 -0.41 16.18
N GLN B 88 -5.55 -0.27 16.84
CA GLN B 88 -4.95 -1.37 17.59
C GLN B 88 -5.83 -1.81 18.76
N ALA B 89 -6.42 -0.82 19.46
CA ALA B 89 -7.34 -1.10 20.56
C ALA B 89 -8.59 -1.82 20.07
N ALA B 90 -9.08 -1.39 18.90
CA ALA B 90 -10.24 -2.02 18.27
C ALA B 90 -9.94 -3.47 17.86
N ALA B 91 -8.72 -3.70 17.38
CA ALA B 91 -8.26 -5.05 17.01
C ALA B 91 -8.14 -5.97 18.22
N GLU B 92 -7.70 -5.44 19.36
CA GLU B 92 -7.67 -6.24 20.58
C GLU B 92 -9.06 -6.74 20.97
N GLN B 93 -10.07 -5.89 20.77
CA GLN B 93 -11.45 -6.27 21.06
C GLN B 93 -11.93 -7.47 20.23
N LEU B 94 -11.44 -7.57 18.99
CA LEU B 94 -11.67 -8.73 18.10
C LEU B 94 -11.46 -10.06 18.83
N LYS B 95 -10.48 -10.08 19.73
CA LYS B 95 -10.08 -11.31 20.40
C LYS B 95 -11.20 -11.94 21.25
N THR B 96 -12.11 -11.11 21.75
CA THR B 96 -13.29 -11.60 22.47
C THR B 96 -14.09 -12.54 21.58
N THR B 97 -14.26 -12.13 20.32
CA THR B 97 -14.99 -12.92 19.33
C THR B 97 -14.23 -14.20 18.98
N CYS B 98 -12.91 -14.09 18.77
CA CYS B 98 -12.04 -15.25 18.56
C CYS B 98 -12.23 -16.27 19.68
N ASN B 99 -12.10 -15.78 20.92
CA ASN B 99 -12.20 -16.59 22.14
C ASN B 99 -13.55 -17.31 22.27
N ALA B 100 -14.62 -16.57 21.99
CA ALA B 100 -15.99 -17.08 22.17
C ALA B 100 -16.26 -18.29 21.29
N CYS B 101 -15.88 -18.18 20.02
CA CYS B 101 -16.09 -19.27 19.08
C CYS B 101 -15.23 -20.48 19.42
N HIS B 102 -13.95 -20.24 19.76
CA HIS B 102 -13.03 -21.30 20.18
C HIS B 102 -13.52 -22.06 21.41
N GLN B 103 -14.02 -21.32 22.39
CA GLN B 103 -14.53 -21.92 23.63
C GLN B 103 -15.62 -22.95 23.31
N LYS B 104 -16.45 -22.67 22.31
CA LYS B 104 -17.56 -23.53 21.95
C LYS B 104 -17.22 -24.60 20.93
N TYR B 105 -16.44 -24.24 19.90
CA TYR B 105 -16.36 -25.06 18.69
C TYR B 105 -14.98 -25.57 18.25
N ARG B 106 -13.92 -25.12 18.93
CA ARG B 106 -12.55 -25.49 18.55
C ARG B 106 -12.10 -26.73 19.28
N ALA C 1 13.08 8.81 -21.63
CA ALA C 1 14.12 9.75 -21.12
C ALA C 1 15.50 9.20 -21.44
N ASP C 2 16.45 10.07 -21.73
CA ASP C 2 17.82 9.60 -21.96
C ASP C 2 18.59 9.51 -20.64
N LEU C 3 19.84 9.08 -20.71
CA LEU C 3 20.65 8.87 -19.50
C LEU C 3 20.76 10.14 -18.65
N GLU C 4 21.09 11.26 -19.28
CA GLU C 4 21.21 12.54 -18.57
C GLU C 4 19.90 12.98 -17.92
N ASP C 5 18.78 12.80 -18.62
CA ASP C 5 17.44 13.09 -18.10
C ASP C 5 17.18 12.31 -16.82
N ASN C 6 17.50 11.01 -16.85
CA ASN C 6 17.28 10.15 -15.71
C ASN C 6 18.14 10.53 -14.52
N MET C 7 19.38 10.97 -14.80
CA MET C 7 20.27 11.45 -13.76
C MET C 7 19.74 12.76 -13.14
N GLU C 8 19.19 13.63 -13.98
CA GLU C 8 18.57 14.88 -13.51
C GLU C 8 17.41 14.57 -12.57
N THR C 9 16.56 13.62 -12.96
CA THR C 9 15.43 13.17 -12.14
C THR C 9 15.90 12.60 -10.80
N LEU C 10 16.92 11.75 -10.83
CA LEU C 10 17.47 11.20 -9.59
C LEU C 10 17.99 12.28 -8.66
N ASN C 11 18.74 13.23 -9.23
CA ASN C 11 19.33 14.32 -8.44
C ASN C 11 18.26 15.25 -7.87
N ASP C 12 17.29 15.63 -8.70
CA ASP C 12 16.22 16.54 -8.30
C ASP C 12 15.43 15.96 -7.15
N ASN C 13 15.11 14.68 -7.26
CA ASN C 13 14.25 14.05 -6.28
C ASN C 13 14.95 13.71 -4.96
N LEU C 14 16.26 13.53 -5.02
CA LEU C 14 17.05 13.41 -3.80
C LEU C 14 16.94 14.72 -2.99
N LYS C 15 17.00 15.86 -3.69
CA LYS C 15 16.84 17.16 -3.06
C LYS C 15 15.44 17.36 -2.47
N VAL C 16 14.41 16.92 -3.20
CA VAL C 16 13.03 17.00 -2.73
C VAL C 16 12.86 16.21 -1.43
N ILE C 17 13.42 15.01 -1.39
CA ILE C 17 13.39 14.16 -0.21
C ILE C 17 14.05 14.83 0.99
N GLU C 18 15.23 15.41 0.77
CA GLU C 18 15.99 16.06 1.85
C GLU C 18 15.20 17.21 2.51
N LYS C 19 14.49 17.98 1.70
CA LYS C 19 13.74 19.15 2.19
C LYS C 19 12.31 18.84 2.63
N ALA C 20 11.85 17.61 2.36
CA ALA C 20 10.45 17.22 2.63
C ALA C 20 10.08 17.23 4.10
N ASP C 21 8.83 17.59 4.38
CA ASP C 21 8.28 17.54 5.74
C ASP C 21 7.08 16.58 5.88
N ASN C 22 6.77 15.85 4.79
CA ASN C 22 5.63 14.94 4.77
C ASN C 22 5.87 13.68 3.96
N ALA C 23 5.20 12.58 4.34
CA ALA C 23 5.41 11.28 3.72
C ALA C 23 5.01 11.22 2.24
N ALA C 24 3.91 11.90 1.90
CA ALA C 24 3.44 11.96 0.51
C ALA C 24 4.51 12.49 -0.45
N GLN C 25 5.17 13.58 -0.05
CA GLN C 25 6.24 14.18 -0.82
C GLN C 25 7.42 13.21 -1.00
N VAL C 26 7.79 12.54 0.10
CA VAL C 26 8.90 11.58 0.09
C VAL C 26 8.55 10.37 -0.80
N LYS C 27 7.35 9.82 -0.64
CA LYS C 27 6.91 8.69 -1.44
C LYS C 27 6.90 9.01 -2.93
N ASP C 28 6.33 10.17 -3.29
CA ASP C 28 6.27 10.62 -4.68
C ASP C 28 7.66 10.76 -5.28
N ALA C 29 8.57 11.41 -4.56
CA ALA C 29 9.95 11.59 -5.00
C ALA C 29 10.66 10.26 -5.22
N LEU C 30 10.52 9.34 -4.27
CA LEU C 30 11.15 8.01 -4.39
C LEU C 30 10.59 7.20 -5.56
N THR C 31 9.29 7.34 -5.82
CA THR C 31 8.65 6.68 -6.97
C THR C 31 9.25 7.18 -8.30
N LYS C 32 9.48 8.48 -8.39
CA LYS C 32 10.08 9.06 -9.58
C LYS C 32 11.54 8.58 -9.75
N MET C 33 12.25 8.44 -8.63
CA MET C 33 13.61 7.90 -8.65
C MET C 33 13.65 6.45 -9.12
N ALA C 34 12.72 5.64 -8.63
CA ALA C 34 12.60 4.25 -9.04
C ALA C 34 12.43 4.14 -10.55
N ALA C 35 11.54 4.97 -11.09
CA ALA C 35 11.24 5.00 -12.52
C ALA C 35 12.48 5.38 -13.32
N ALA C 36 13.19 6.41 -12.84
CA ALA C 36 14.40 6.92 -13.50
C ALA C 36 15.53 5.90 -13.52
N ALA C 37 15.77 5.26 -12.37
CA ALA C 37 16.80 4.24 -12.23
C ALA C 37 16.49 3.01 -13.10
N ALA C 38 15.21 2.63 -13.16
CA ALA C 38 14.76 1.51 -14.00
C ALA C 38 15.02 1.76 -15.48
N ASP C 39 14.85 3.01 -15.90
CA ASP C 39 15.08 3.42 -17.29
C ASP C 39 16.58 3.49 -17.59
N ALA C 40 17.35 3.95 -16.62
CA ALA C 40 18.80 4.08 -16.80
C ALA C 40 19.53 2.72 -16.81
N TRP C 41 18.89 1.72 -16.23
CA TRP C 41 19.43 0.35 -16.14
C TRP C 41 19.87 -0.24 -17.49
N SER C 42 19.13 0.05 -18.56
CA SER C 42 19.45 -0.49 -19.88
C SER C 42 20.15 0.50 -20.80
N ALA C 43 20.61 1.62 -20.25
CA ALA C 43 21.32 2.64 -21.03
C ALA C 43 22.81 2.30 -21.15
N THR C 44 23.44 2.83 -22.18
CA THR C 44 24.89 2.69 -22.36
C THR C 44 25.52 4.08 -22.24
N PRO C 45 26.42 4.25 -21.25
CA PRO C 45 27.01 5.58 -21.01
C PRO C 45 28.09 5.91 -22.04
N PRO C 46 28.34 7.21 -22.30
CA PRO C 46 29.31 7.62 -23.30
C PRO C 46 30.66 6.89 -23.20
N LYS C 47 31.17 6.71 -21.98
CA LYS C 47 32.50 6.11 -21.80
C LYS C 47 32.58 4.61 -22.06
N LEU C 48 31.42 3.97 -22.21
CA LEU C 48 31.36 2.53 -22.49
C LEU C 48 30.66 2.20 -23.82
N GLU C 49 30.51 3.22 -24.67
CA GLU C 49 29.74 3.07 -25.92
C GLU C 49 30.38 2.12 -26.93
N ASP C 50 31.69 1.86 -26.77
CA ASP C 50 32.44 0.95 -27.62
C ASP C 50 32.58 -0.44 -27.01
N LYS C 51 32.10 -0.61 -25.78
CA LYS C 51 32.37 -1.82 -24.99
C LYS C 51 31.41 -2.98 -25.25
N SER C 52 31.85 -4.17 -24.88
CA SER C 52 31.04 -5.38 -24.93
C SER C 52 29.96 -5.33 -23.85
N PRO C 53 28.71 -5.69 -24.18
CA PRO C 53 27.64 -5.87 -23.20
C PRO C 53 27.97 -6.95 -22.16
N ASP C 54 28.79 -7.92 -22.55
CA ASP C 54 29.23 -9.01 -21.69
C ASP C 54 30.56 -8.67 -21.03
N SER C 55 30.96 -7.40 -21.11
CA SER C 55 32.22 -6.95 -20.55
C SER C 55 32.10 -6.74 -19.05
N PRO C 56 33.21 -6.92 -18.30
CA PRO C 56 33.22 -6.55 -16.88
C PRO C 56 32.61 -5.17 -16.65
N GLU C 57 32.86 -4.24 -17.58
CA GLU C 57 32.38 -2.86 -17.46
C GLU C 57 30.86 -2.69 -17.56
N MET C 58 30.25 -3.19 -18.62
CA MET C 58 28.78 -3.07 -18.76
C MET C 58 28.02 -3.90 -17.72
N HIS C 59 28.59 -5.05 -17.33
CA HIS C 59 28.09 -5.87 -16.21
CA HIS C 59 28.01 -5.84 -16.25
C HIS C 59 27.94 -5.02 -14.97
N ASP C 60 29.06 -4.38 -14.62
CA ASP C 60 29.21 -3.56 -13.43
C ASP C 60 28.31 -2.33 -13.46
N PHE C 61 28.21 -1.71 -14.63
CA PHE C 61 27.33 -0.56 -14.83
C PHE C 61 25.87 -0.93 -14.53
N ARG C 62 25.37 -1.98 -15.18
CA ARG C 62 24.02 -2.48 -14.92
C ARG C 62 23.81 -2.85 -13.45
N HIS C 63 24.79 -3.53 -12.87
CA HIS C 63 24.74 -3.93 -11.46
C HIS C 63 24.51 -2.73 -10.53
N GLY C 64 25.16 -1.62 -10.85
CA GLY C 64 25.03 -0.38 -10.08
C GLY C 64 23.60 0.11 -9.99
N PHE C 65 22.87 0.04 -11.10
CA PHE C 65 21.46 0.42 -11.10
C PHE C 65 20.57 -0.58 -10.38
N TRP C 66 20.86 -1.86 -10.52
CA TRP C 66 20.13 -2.90 -9.80
C TRP C 66 20.28 -2.71 -8.28
N CYS C 67 21.51 -2.42 -7.86
CA CYS C 67 21.81 -2.06 -6.48
C CYS C 67 20.99 -0.84 -6.04
N LEU C 68 21.03 0.23 -6.85
CA LEU C 68 20.31 1.45 -6.53
C LEU C 68 18.80 1.22 -6.43
N ILE C 69 18.25 0.45 -7.37
CA ILE C 69 16.82 0.10 -7.37
C ILE C 69 16.41 -0.61 -6.08
N GLY C 70 17.23 -1.57 -5.65
CA GLY C 70 17.00 -2.25 -4.37
C GLY C 70 16.94 -1.27 -3.21
N GLN C 71 17.88 -0.33 -3.19
CA GLN C 71 17.95 0.67 -2.11
C GLN C 71 16.76 1.64 -2.14
N ILE C 72 16.36 2.05 -3.34
CA ILE C 72 15.15 2.87 -3.50
C ILE C 72 13.90 2.13 -2.99
N HIS C 73 13.78 0.85 -3.35
CA HIS C 73 12.71 -0.03 -2.83
C HIS C 73 12.64 -0.02 -1.31
N ALA C 74 13.80 -0.12 -0.65
CA ALA C 74 13.88 -0.16 0.81
C ALA C 74 13.41 1.16 1.42
N ALA C 75 13.84 2.26 0.80
CA ALA C 75 13.42 3.61 1.21
C ALA C 75 11.92 3.81 0.99
N LEU C 76 11.41 3.28 -0.12
CA LEU C 76 9.99 3.35 -0.47
C LEU C 76 9.14 2.61 0.55
N HIS C 77 9.62 1.45 1.00
CA HIS C 77 8.95 0.65 2.03
C HIS C 77 8.76 1.48 3.30
N LEU C 78 9.78 2.25 3.68
CA LEU C 78 9.73 3.13 4.85
C LEU C 78 8.77 4.31 4.68
N ALA C 79 8.85 4.97 3.52
CA ALA C 79 7.95 6.08 3.19
C ALA C 79 6.48 5.65 3.19
N ASN C 80 6.21 4.43 2.74
CA ASN C 80 4.86 3.87 2.74
C ASN C 80 4.32 3.64 4.16
N GLU C 81 5.24 3.55 5.11
CA GLU C 81 4.91 3.42 6.53
C GLU C 81 4.85 4.79 7.22
N GLY C 82 4.95 5.86 6.42
CA GLY C 82 4.89 7.23 6.93
C GLY C 82 6.12 7.68 7.70
N LYS C 83 7.21 6.93 7.58
CA LYS C 83 8.42 7.19 8.34
C LYS C 83 9.33 8.16 7.58
N VAL C 84 9.07 9.45 7.76
CA VAL C 84 9.77 10.49 7.01
C VAL C 84 11.28 10.51 7.28
N LYS C 85 11.66 10.66 8.55
CA LYS C 85 13.08 10.74 8.92
C LYS C 85 13.87 9.50 8.48
N GLU C 86 13.28 8.33 8.70
CA GLU C 86 13.94 7.06 8.33
C GLU C 86 14.11 6.92 6.81
N ALA C 87 13.08 7.31 6.06
CA ALA C 87 13.13 7.27 4.60
C ALA C 87 14.14 8.29 4.05
N GLN C 88 14.22 9.45 4.69
CA GLN C 88 15.21 10.47 4.32
C GLN C 88 16.64 9.97 4.56
N ALA C 89 16.84 9.24 5.65
CA ALA C 89 18.15 8.66 5.98
C ALA C 89 18.54 7.58 4.96
N ALA C 90 17.56 6.76 4.57
CA ALA C 90 17.77 5.74 3.53
C ALA C 90 18.12 6.38 2.18
N ALA C 91 17.44 7.47 1.85
CA ALA C 91 17.74 8.23 0.63
C ALA C 91 19.17 8.79 0.65
N GLU C 92 19.58 9.32 1.79
CA GLU C 92 20.94 9.82 1.98
C GLU C 92 22.00 8.74 1.71
N GLN C 93 21.73 7.52 2.17
CA GLN C 93 22.64 6.38 1.98
C GLN C 93 22.84 6.00 0.50
N LEU C 94 21.84 6.32 -0.34
CA LEU C 94 21.91 6.07 -1.79
C LEU C 94 23.13 6.71 -2.44
N LYS C 95 23.58 7.81 -1.85
CA LYS C 95 24.63 8.64 -2.46
C LYS C 95 25.93 7.90 -2.67
N THR C 96 26.25 6.97 -1.77
CA THR C 96 27.44 6.12 -1.92
C THR C 96 27.38 5.32 -3.23
N THR C 97 26.19 4.84 -3.57
CA THR C 97 25.97 4.06 -4.80
C THR C 97 26.08 4.97 -6.04
N CYS C 98 25.44 6.14 -5.97
CA CYS C 98 25.56 7.17 -7.00
C CYS C 98 27.04 7.46 -7.27
N ASN C 99 27.77 7.73 -6.20
CA ASN C 99 29.16 8.15 -6.29
C ASN C 99 30.07 7.06 -6.84
N ALA C 100 29.84 5.81 -6.40
CA ALA C 100 30.68 4.69 -6.81
C ALA C 100 30.68 4.55 -8.34
N CYS C 101 29.49 4.62 -8.93
CA CYS C 101 29.36 4.48 -10.37
C CYS C 101 29.99 5.67 -11.11
N HIS C 102 29.73 6.88 -10.63
CA HIS C 102 30.33 8.08 -11.21
C HIS C 102 31.85 8.01 -11.24
N GLN C 103 32.45 7.61 -10.13
CA GLN C 103 33.92 7.48 -10.06
C GLN C 103 34.47 6.60 -11.21
N LYS C 104 33.78 5.50 -11.50
CA LYS C 104 34.25 4.56 -12.51
C LYS C 104 33.89 4.96 -13.95
N TYR C 105 32.68 5.49 -14.15
CA TYR C 105 32.07 5.52 -15.48
C TYR C 105 31.62 6.88 -15.98
N ARG C 106 31.55 7.87 -15.09
CA ARG C 106 31.20 9.22 -15.51
C ARG C 106 32.39 9.91 -16.18
N ALA D 1 5.22 -5.46 4.83
CA ALA D 1 5.72 -6.58 5.68
C ALA D 1 7.22 -6.45 5.89
N ASP D 2 7.67 -6.73 7.12
CA ASP D 2 9.10 -6.77 7.40
C ASP D 2 9.69 -8.14 7.07
N LEU D 3 11.01 -8.26 7.18
CA LEU D 3 11.72 -9.49 6.83
C LEU D 3 11.13 -10.71 7.55
N GLU D 4 10.90 -10.57 8.85
CA GLU D 4 10.34 -11.65 9.67
C GLU D 4 8.96 -12.07 9.19
N ASP D 5 8.11 -11.09 8.85
CA ASP D 5 6.77 -11.37 8.31
C ASP D 5 6.86 -12.14 6.99
N ASN D 6 7.74 -11.69 6.11
CA ASN D 6 7.94 -12.35 4.83
C ASN D 6 8.43 -13.79 4.99
N MET D 7 9.30 -14.00 5.97
CA MET D 7 9.74 -15.35 6.32
C MET D 7 8.62 -16.24 6.84
N GLU D 8 7.74 -15.68 7.67
CA GLU D 8 6.55 -16.39 8.16
C GLU D 8 5.66 -16.82 6.99
N THR D 9 5.45 -15.90 6.05
CA THR D 9 4.70 -16.18 4.82
C THR D 9 5.33 -17.31 4.00
N LEU D 10 6.65 -17.26 3.83
CA LEU D 10 7.41 -18.31 3.14
C LEU D 10 7.24 -19.67 3.81
N ASN D 11 7.46 -19.71 5.12
CA ASN D 11 7.33 -20.92 5.93
C ASN D 11 5.92 -21.52 5.92
N ASP D 12 4.92 -20.67 6.14
CA ASP D 12 3.52 -21.08 6.13
C ASP D 12 3.10 -21.69 4.80
N ASN D 13 3.44 -21.02 3.70
CA ASN D 13 3.02 -21.47 2.40
C ASN D 13 3.73 -22.70 1.87
N LEU D 14 4.96 -22.91 2.33
CA LEU D 14 5.66 -24.17 2.08
C LEU D 14 4.90 -25.36 2.68
N LYS D 15 4.39 -25.18 3.91
CA LYS D 15 3.60 -26.21 4.58
C LYS D 15 2.27 -26.46 3.84
N VAL D 16 1.65 -25.37 3.38
CA VAL D 16 0.41 -25.47 2.59
C VAL D 16 0.63 -26.33 1.34
N ILE D 17 1.72 -26.08 0.63
CA ILE D 17 2.05 -26.86 -0.57
C ILE D 17 2.22 -28.35 -0.24
N GLU D 18 2.94 -28.62 0.84
CA GLU D 18 3.18 -30.00 1.28
C GLU D 18 1.88 -30.80 1.54
N LYS D 19 0.91 -30.17 2.18
CA LYS D 19 -0.35 -30.83 2.53
C LYS D 19 -1.42 -30.77 1.42
N ALA D 20 -1.16 -29.97 0.39
CA ALA D 20 -2.14 -29.73 -0.68
C ALA D 20 -2.49 -30.98 -1.49
N ASP D 21 -3.75 -31.05 -1.93
CA ASP D 21 -4.20 -32.14 -2.80
C ASP D 21 -4.78 -31.64 -4.14
N ASN D 22 -4.54 -30.37 -4.46
CA ASN D 22 -5.03 -29.78 -5.70
C ASN D 22 -4.12 -28.67 -6.23
N ALA D 23 -4.17 -28.44 -7.54
CA ALA D 23 -3.33 -27.43 -8.21
C ALA D 23 -3.58 -26.00 -7.75
N ALA D 24 -4.86 -25.64 -7.56
CA ALA D 24 -5.24 -24.29 -7.15
C ALA D 24 -4.59 -23.85 -5.83
N GLN D 25 -4.57 -24.75 -4.85
CA GLN D 25 -3.98 -24.48 -3.53
C GLN D 25 -2.46 -24.32 -3.65
N VAL D 26 -1.83 -25.17 -4.46
CA VAL D 26 -0.40 -25.07 -4.73
C VAL D 26 -0.06 -23.76 -5.44
N LYS D 27 -0.87 -23.41 -6.46
CA LYS D 27 -0.67 -22.16 -7.22
C LYS D 27 -0.73 -20.95 -6.31
N ASP D 28 -1.79 -20.88 -5.49
CA ASP D 28 -2.01 -19.77 -4.59
C ASP D 28 -0.87 -19.59 -3.58
N ALA D 29 -0.44 -20.71 -3.00
CA ALA D 29 0.67 -20.71 -2.04
C ALA D 29 1.98 -20.22 -2.66
N LEU D 30 2.32 -20.73 -3.83
CA LEU D 30 3.53 -20.29 -4.55
C LEU D 30 3.46 -18.80 -4.94
N THR D 31 2.27 -18.34 -5.34
CA THR D 31 2.07 -16.93 -5.66
C THR D 31 2.35 -16.04 -4.45
N LYS D 32 1.92 -16.48 -3.28
CA LYS D 32 2.18 -15.74 -2.05
C LYS D 32 3.67 -15.77 -1.68
N MET D 33 4.33 -16.89 -1.93
CA MET D 33 5.77 -17.01 -1.68
C MET D 33 6.58 -16.08 -2.56
N ALA D 34 6.22 -16.01 -3.84
CA ALA D 34 6.87 -15.11 -4.79
C ALA D 34 6.78 -13.66 -4.33
N ALA D 35 5.59 -13.23 -3.92
CA ALA D 35 5.37 -11.87 -3.42
C ALA D 35 6.16 -11.58 -2.14
N ALA D 36 6.20 -12.57 -1.23
CA ALA D 36 6.98 -12.44 0.01
C ALA D 36 8.48 -12.31 -0.27
N ALA D 37 8.99 -13.11 -1.21
CA ALA D 37 10.40 -13.08 -1.56
C ALA D 37 10.76 -11.76 -2.23
N ALA D 38 9.88 -11.28 -3.10
CA ALA D 38 10.06 -10.00 -3.80
C ALA D 38 10.15 -8.83 -2.82
N ASP D 39 9.36 -8.88 -1.75
CA ASP D 39 9.38 -7.85 -0.72
C ASP D 39 10.64 -7.95 0.15
N ALA D 40 11.11 -9.19 0.38
CA ALA D 40 12.27 -9.44 1.24
C ALA D 40 13.61 -9.16 0.58
N TRP D 41 13.63 -9.19 -0.75
CA TRP D 41 14.86 -9.00 -1.53
C TRP D 41 15.61 -7.72 -1.17
N SER D 42 14.86 -6.65 -0.90
CA SER D 42 15.45 -5.33 -0.67
C SER D 42 15.82 -5.08 0.78
N ALA D 43 15.54 -6.04 1.65
CA ALA D 43 15.75 -5.87 3.09
C ALA D 43 17.22 -6.04 3.50
N THR D 44 17.54 -5.53 4.67
CA THR D 44 18.86 -5.72 5.28
C THR D 44 18.67 -6.51 6.57
N PRO D 45 19.21 -7.74 6.62
CA PRO D 45 19.05 -8.59 7.79
C PRO D 45 19.93 -8.10 8.95
N PRO D 46 19.52 -8.37 10.19
CA PRO D 46 20.28 -7.90 11.36
C PRO D 46 21.79 -8.17 11.28
N LYS D 47 22.17 -9.38 10.90
CA LYS D 47 23.59 -9.78 10.88
C LYS D 47 24.42 -9.16 9.75
N LEU D 48 23.77 -8.37 8.89
CA LEU D 48 24.47 -7.70 7.79
C LEU D 48 24.26 -6.17 7.83
N GLU D 49 23.63 -5.68 8.90
CA GLU D 49 23.38 -4.25 9.07
C GLU D 49 24.67 -3.42 9.07
N ASP D 50 25.75 -4.02 9.58
CA ASP D 50 27.05 -3.36 9.65
C ASP D 50 27.82 -3.43 8.32
N LYS D 51 27.30 -4.22 7.39
CA LYS D 51 27.98 -4.45 6.11
C LYS D 51 27.62 -3.38 5.07
N SER D 52 28.56 -3.12 4.17
CA SER D 52 28.34 -2.23 3.03
C SER D 52 27.31 -2.84 2.06
N PRO D 53 26.46 -1.99 1.45
CA PRO D 53 25.53 -2.45 0.41
C PRO D 53 26.24 -3.17 -0.75
N ASP D 54 27.51 -2.81 -0.99
CA ASP D 54 28.31 -3.34 -2.09
C ASP D 54 29.21 -4.51 -1.62
N SER D 55 28.96 -5.00 -0.41
CA SER D 55 29.76 -6.09 0.17
C SER D 55 29.41 -7.43 -0.48
N PRO D 56 30.39 -8.36 -0.52
CA PRO D 56 30.13 -9.73 -1.00
C PRO D 56 28.99 -10.41 -0.25
N GLU D 57 28.83 -10.09 1.03
CA GLU D 57 27.76 -10.65 1.85
C GLU D 57 26.38 -10.16 1.40
N MET D 58 26.25 -8.85 1.18
CA MET D 58 24.98 -8.28 0.72
C MET D 58 24.63 -8.69 -0.71
N HIS D 59 25.64 -8.83 -1.56
CA HIS D 59 25.45 -9.39 -2.90
C HIS D 59 24.90 -10.80 -2.82
N ASP D 60 25.53 -11.62 -1.99
CA ASP D 60 25.16 -13.02 -1.81
C ASP D 60 23.76 -13.15 -1.22
N PHE D 61 23.42 -12.26 -0.30
CA PHE D 61 22.10 -12.23 0.33
C PHE D 61 21.00 -11.97 -0.70
N ARG D 62 21.11 -10.87 -1.44
CA ARG D 62 20.12 -10.54 -2.46
C ARG D 62 20.02 -11.63 -3.53
N HIS D 63 21.16 -12.23 -3.86
CA HIS D 63 21.24 -13.32 -4.84
C HIS D 63 20.38 -14.52 -4.43
N GLY D 64 20.39 -14.84 -3.15
CA GLY D 64 19.60 -15.93 -2.60
C GLY D 64 18.13 -15.80 -2.90
N PHE D 65 17.61 -14.57 -2.81
CA PHE D 65 16.19 -14.34 -3.08
C PHE D 65 15.83 -14.49 -4.54
N TRP D 66 16.71 -14.05 -5.43
CA TRP D 66 16.45 -14.23 -6.86
C TRP D 66 16.58 -15.69 -7.28
N CYS D 67 17.50 -16.41 -6.63
CA CYS D 67 17.57 -17.87 -6.76
C CYS D 67 16.23 -18.48 -6.33
N LEU D 68 15.74 -18.05 -5.18
CA LEU D 68 14.46 -18.53 -4.64
C LEU D 68 13.28 -18.16 -5.54
N ILE D 69 13.26 -16.92 -6.04
CA ILE D 69 12.17 -16.48 -6.93
C ILE D 69 12.13 -17.33 -8.21
N GLY D 70 13.30 -17.58 -8.79
CA GLY D 70 13.40 -18.45 -9.97
C GLY D 70 12.84 -19.84 -9.76
N GLN D 71 13.19 -20.46 -8.63
CA GLN D 71 12.72 -21.79 -8.28
C GLN D 71 11.22 -21.80 -8.00
N ILE D 72 10.72 -20.75 -7.37
CA ILE D 72 9.27 -20.57 -7.16
C ILE D 72 8.54 -20.51 -8.51
N HIS D 73 9.10 -19.73 -9.44
CA HIS D 73 8.56 -19.64 -10.81
C HIS D 73 8.48 -20.98 -11.53
N ALA D 74 9.55 -21.77 -11.43
CA ALA D 74 9.58 -23.09 -12.04
C ALA D 74 8.52 -24.01 -11.43
N ALA D 75 8.35 -23.91 -10.11
CA ALA D 75 7.33 -24.68 -9.40
C ALA D 75 5.91 -24.30 -9.81
N LEU D 76 5.70 -23.00 -9.98
CA LEU D 76 4.41 -22.46 -10.38
C LEU D 76 4.06 -22.82 -11.82
N HIS D 77 5.08 -22.84 -12.68
CA HIS D 77 4.92 -23.27 -14.06
C HIS D 77 4.37 -24.69 -14.09
N LEU D 78 4.89 -25.55 -13.21
CA LEU D 78 4.41 -26.92 -13.08
C LEU D 78 3.00 -26.98 -12.53
N ALA D 79 2.73 -26.17 -11.51
CA ALA D 79 1.40 -26.09 -10.89
C ALA D 79 0.33 -25.58 -11.85
N ASN D 80 0.68 -24.57 -12.66
CA ASN D 80 -0.21 -24.03 -13.69
C ASN D 80 -0.59 -25.07 -14.74
N GLU D 81 0.29 -26.06 -14.93
CA GLU D 81 0.05 -27.17 -15.84
C GLU D 81 -0.72 -28.32 -15.19
N GLY D 82 -1.15 -28.10 -13.94
CA GLY D 82 -1.93 -29.09 -13.19
C GLY D 82 -1.08 -30.23 -12.63
N LYS D 83 0.24 -30.08 -12.74
CA LYS D 83 1.17 -31.10 -12.26
C LYS D 83 1.46 -30.86 -10.77
N VAL D 84 0.55 -31.33 -9.93
CA VAL D 84 0.60 -31.10 -8.48
C VAL D 84 1.81 -31.75 -7.82
N LYS D 85 2.00 -33.04 -8.05
CA LYS D 85 3.10 -33.79 -7.41
C LYS D 85 4.47 -33.23 -7.80
N GLU D 86 4.64 -32.88 -9.07
CA GLU D 86 5.90 -32.31 -9.56
C GLU D 86 6.16 -30.92 -8.96
N ALA D 87 5.12 -30.11 -8.84
CA ALA D 87 5.22 -28.80 -8.21
C ALA D 87 5.54 -28.93 -6.71
N GLN D 88 4.95 -29.93 -6.07
CA GLN D 88 5.24 -30.22 -4.66
C GLN D 88 6.68 -30.66 -4.46
N ALA D 89 7.19 -31.48 -5.39
CA ALA D 89 8.59 -31.90 -5.37
C ALA D 89 9.51 -30.70 -5.55
N ALA D 90 9.18 -29.84 -6.51
CA ALA D 90 9.91 -28.60 -6.75
C ALA D 90 9.91 -27.68 -5.53
N ALA D 91 8.78 -27.62 -4.82
CA ALA D 91 8.67 -26.81 -3.61
C ALA D 91 9.54 -27.37 -2.47
N GLU D 92 9.58 -28.70 -2.37
CA GLU D 92 10.46 -29.40 -1.43
C GLU D 92 11.91 -29.01 -1.64
N GLN D 93 12.33 -28.94 -2.90
CA GLN D 93 13.71 -28.60 -3.26
C GLN D 93 14.10 -27.15 -2.90
N LEU D 94 13.10 -26.28 -2.76
CA LEU D 94 13.32 -24.89 -2.32
C LEU D 94 14.09 -24.83 -1.01
N LYS D 95 13.85 -25.81 -0.14
CA LYS D 95 14.42 -25.82 1.21
C LYS D 95 15.94 -25.70 1.21
N THR D 96 16.61 -26.29 0.22
CA THR D 96 18.06 -26.17 0.05
C THR D 96 18.47 -24.69 0.02
N THR D 97 17.74 -23.89 -0.74
CA THR D 97 17.97 -22.46 -0.87
C THR D 97 17.65 -21.72 0.43
N CYS D 98 16.51 -22.05 1.05
CA CYS D 98 16.16 -21.54 2.38
C CYS D 98 17.30 -21.78 3.36
N ASN D 99 17.74 -23.05 3.46
CA ASN D 99 18.77 -23.47 4.40
C ASN D 99 20.12 -22.78 4.16
N ALA D 100 20.52 -22.68 2.89
CA ALA D 100 21.83 -22.13 2.53
C ALA D 100 21.97 -20.69 3.01
N CYS D 101 20.96 -19.87 2.74
CA CYS D 101 20.97 -18.48 3.18
C CYS D 101 20.92 -18.35 4.70
N HIS D 102 20.09 -19.17 5.35
CA HIS D 102 20.01 -19.20 6.80
C HIS D 102 21.33 -19.55 7.47
N GLN D 103 22.01 -20.58 6.96
CA GLN D 103 23.28 -21.01 7.51
C GLN D 103 24.29 -19.87 7.54
N LYS D 104 24.24 -19.00 6.53
CA LYS D 104 25.16 -17.87 6.43
C LYS D 104 24.69 -16.61 7.17
N TYR D 105 23.41 -16.25 7.02
CA TYR D 105 22.96 -14.90 7.40
C TYR D 105 21.82 -14.80 8.42
N ARG D 106 21.21 -15.92 8.79
CA ARG D 106 20.11 -15.91 9.76
C ARG D 106 20.63 -15.87 11.20
N LYS E 1 -17.07 -14.20 -1.67
CA LYS E 1 -17.05 -12.87 -2.35
C LYS E 1 -18.41 -12.18 -2.31
N THR E 2 -19.47 -12.98 -2.24
CA THR E 2 -20.85 -12.51 -2.45
C THR E 2 -21.35 -11.52 -1.39
N THR E 3 -21.09 -11.82 -0.11
CA THR E 3 -21.50 -10.93 0.98
C THR E 3 -20.80 -9.58 0.87
N CYS E 4 -19.51 -9.64 0.52
CA CYS E 4 -18.67 -8.47 0.40
C CYS E 4 -19.17 -7.56 -0.73
N ASN E 5 -19.36 -8.16 -1.91
CA ASN E 5 -19.88 -7.46 -3.08
C ASN E 5 -21.26 -6.84 -2.87
N ALA E 6 -22.04 -7.45 -1.97
CA ALA E 6 -23.41 -7.01 -1.67
C ALA E 6 -23.44 -5.59 -1.10
N CYS E 7 -22.34 -5.21 -0.44
CA CYS E 7 -22.23 -3.90 0.16
C CYS E 7 -21.43 -2.96 -0.75
N HIS E 8 -20.19 -3.37 -1.04
CA HIS E 8 -19.24 -2.55 -1.77
C HIS E 8 -19.74 -2.08 -3.14
N GLN E 9 -20.28 -3.01 -3.92
CA GLN E 9 -20.80 -2.68 -5.25
C GLN E 9 -22.27 -2.26 -5.19
#